data_6N3Y
#
_entry.id   6N3Y
#
_cell.length_a   78.161
_cell.length_b   46.327
_cell.length_c   63.896
_cell.angle_alpha   90.000
_cell.angle_beta   94.320
_cell.angle_gamma   90.000
#
_symmetry.space_group_name_H-M   'C 1 2 1'
#
loop_
_entity.id
_entity.type
_entity.pdbx_description
1 polymer 'Histidine triad nucleotide-binding protein 1'
2 non-polymer "5'-O-{[2-(1H-indol-3-yl)ethyl]carbamoyl}guanosine"
3 non-polymer 'CHLORIDE ION'
4 water water
#
_entity_poly.entity_id   1
_entity_poly.type   'polypeptide(L)'
_entity_poly.pdbx_seq_one_letter_code
;SNAMADEIAKAQVARPGGDTIFGKIIRKEIPAKIIFEDDRCLAFHDISPQAPTHFLVIPKKHISQISVAEDDDESLLGHL
MIVGKKCAADLGLNKGYRMVVNEGSDGGQSVYHVHLHVLGGRQMHWPPG
;
_entity_poly.pdbx_strand_id   A,B
#
loop_
_chem_comp.id
_chem_comp.type
_chem_comp.name
_chem_comp.formula
CL non-polymer 'CHLORIDE ION' 'Cl -1'
HHJ non-polymer 5'-O-{[2-(1H-indol-3-yl)ethyl]carbamoyl}guanosine 'C21 H23 N7 O6'
#
# COMPACT_ATOMS: atom_id res chain seq x y z
N ARG A 15 8.71 -12.29 22.86
CA ARG A 15 8.35 -13.11 21.71
C ARG A 15 8.46 -12.31 20.41
N PRO A 16 9.27 -12.79 19.47
CA PRO A 16 9.57 -12.01 18.26
C PRO A 16 8.33 -11.80 17.41
N GLY A 17 8.05 -10.54 17.07
CA GLY A 17 6.85 -10.21 16.34
C GLY A 17 5.72 -9.71 17.20
N GLY A 18 5.80 -9.89 18.51
CA GLY A 18 4.78 -9.39 19.42
C GLY A 18 3.64 -10.37 19.59
N ASP A 19 2.65 -9.94 20.36
CA ASP A 19 1.55 -10.81 20.75
C ASP A 19 0.22 -10.43 20.12
N THR A 20 0.21 -9.55 19.12
CA THR A 20 -1.01 -9.45 18.32
C THR A 20 -1.26 -10.78 17.61
N ILE A 21 -2.47 -10.91 17.07
N ILE A 21 -2.47 -10.92 17.07
CA ILE A 21 -2.83 -12.09 16.29
CA ILE A 21 -2.82 -12.11 16.29
C ILE A 21 -1.82 -12.34 15.18
C ILE A 21 -1.80 -12.33 15.19
N PHE A 22 -1.22 -11.26 14.65
CA PHE A 22 -0.27 -11.42 13.56
C PHE A 22 1.07 -11.94 14.07
N GLY A 23 1.50 -11.50 15.25
CA GLY A 23 2.73 -12.05 15.80
C GLY A 23 2.59 -13.52 16.13
N LYS A 24 1.41 -13.91 16.60
CA LYS A 24 1.12 -15.32 16.89
C LYS A 24 1.09 -16.14 15.61
N ILE A 25 0.53 -15.59 14.52
CA ILE A 25 0.54 -16.28 13.24
C ILE A 25 1.98 -16.43 12.73
N ILE A 26 2.80 -15.38 12.88
CA ILE A 26 4.21 -15.50 12.49
C ILE A 26 4.88 -16.66 13.22
N ARG A 27 4.65 -16.78 14.51
CA ARG A 27 5.32 -17.80 15.29
C ARG A 27 4.62 -19.16 15.24
N LYS A 28 3.64 -19.31 14.34
CA LYS A 28 2.92 -20.57 14.11
C LYS A 28 2.12 -21.00 15.33
N GLU A 29 1.81 -20.06 16.23
CA GLU A 29 1.02 -20.35 17.42
C GLU A 29 -0.46 -20.34 17.12
N ILE A 30 -0.91 -19.59 16.13
N ILE A 30 -0.89 -19.60 16.11
N ILE A 30 -0.90 -19.60 16.12
CA ILE A 30 -2.29 -19.71 15.70
CA ILE A 30 -2.27 -19.60 15.64
CA ILE A 30 -2.27 -19.62 15.65
C ILE A 30 -2.30 -19.95 14.19
C ILE A 30 -2.25 -19.98 14.16
C ILE A 30 -2.26 -19.98 14.17
N PRO A 31 -3.08 -20.91 13.71
CA PRO A 31 -3.00 -21.31 12.31
C PRO A 31 -3.47 -20.23 11.35
N ALA A 32 -2.96 -20.33 10.14
CA ALA A 32 -3.32 -19.46 9.03
C ALA A 32 -3.03 -20.22 7.76
N LYS A 33 -3.59 -19.73 6.66
N LYS A 33 -3.58 -19.73 6.66
CA LYS A 33 -3.44 -20.35 5.35
CA LYS A 33 -3.39 -20.35 5.34
C LYS A 33 -2.37 -19.56 4.60
C LYS A 33 -2.29 -19.57 4.62
N ILE A 34 -1.15 -20.11 4.57
N ILE A 34 -1.07 -20.09 4.70
CA ILE A 34 0.04 -19.34 4.25
CA ILE A 34 0.11 -19.36 4.25
C ILE A 34 0.33 -19.46 2.75
C ILE A 34 0.22 -19.44 2.73
N ILE A 35 0.50 -18.31 2.11
CA ILE A 35 0.75 -18.26 0.67
C ILE A 35 2.23 -18.28 0.37
N PHE A 36 3.00 -17.50 1.12
CA PHE A 36 4.42 -17.30 0.87
C PHE A 36 5.07 -16.82 2.16
N GLU A 37 6.31 -17.24 2.37
CA GLU A 37 7.04 -16.89 3.58
C GLU A 37 8.51 -16.72 3.25
N ASP A 38 9.13 -15.65 3.76
CA ASP A 38 10.57 -15.51 3.68
C ASP A 38 11.06 -14.88 4.98
N ASP A 39 12.34 -14.53 5.02
CA ASP A 39 12.92 -14.03 6.26
C ASP A 39 12.36 -12.67 6.68
N ARG A 40 11.72 -11.93 5.76
N ARG A 40 11.72 -11.93 5.77
CA ARG A 40 11.26 -10.58 6.05
CA ARG A 40 11.25 -10.59 6.08
C ARG A 40 9.75 -10.47 6.18
C ARG A 40 9.74 -10.46 6.18
N CYS A 41 8.97 -11.41 5.65
CA CYS A 41 7.54 -11.21 5.61
C CYS A 41 6.79 -12.52 5.46
N LEU A 42 5.47 -12.40 5.53
CA LEU A 42 4.57 -13.54 5.52
C LEU A 42 3.33 -13.11 4.75
N ALA A 43 2.88 -13.93 3.80
CA ALA A 43 1.63 -13.66 3.09
C ALA A 43 0.65 -14.78 3.39
N PHE A 44 -0.57 -14.39 3.79
CA PHE A 44 -1.59 -15.39 4.14
C PHE A 44 -2.98 -14.82 3.87
N HIS A 45 -3.95 -15.71 3.72
CA HIS A 45 -5.30 -15.30 3.35
C HIS A 45 -6.03 -14.65 4.52
N ASP A 46 -6.87 -13.68 4.20
CA ASP A 46 -7.67 -13.00 5.21
C ASP A 46 -8.87 -13.86 5.62
N ILE A 47 -9.14 -13.90 6.93
N ILE A 47 -9.13 -13.96 6.93
CA ILE A 47 -10.19 -14.73 7.47
CA ILE A 47 -10.23 -14.81 7.37
C ILE A 47 -11.57 -14.17 7.18
C ILE A 47 -11.60 -14.21 7.15
N SER A 48 -11.65 -12.91 6.79
N SER A 48 -11.67 -12.91 6.83
CA SER A 48 -12.91 -12.22 6.50
CA SER A 48 -12.92 -12.23 6.50
C SER A 48 -12.77 -11.54 5.14
C SER A 48 -12.73 -11.55 5.15
N PRO A 49 -12.65 -12.32 4.07
CA PRO A 49 -12.36 -11.73 2.76
C PRO A 49 -13.46 -10.78 2.32
N GLN A 50 -13.03 -9.69 1.67
CA GLN A 50 -13.89 -8.68 1.08
C GLN A 50 -13.88 -8.75 -0.44
N ALA A 51 -13.12 -9.69 -1.00
CA ALA A 51 -13.07 -9.96 -2.43
C ALA A 51 -12.91 -11.46 -2.60
N PRO A 52 -13.22 -11.98 -3.79
CA PRO A 52 -12.97 -13.41 -4.02
C PRO A 52 -11.56 -13.84 -3.66
N THR A 53 -10.55 -13.01 -3.87
CA THR A 53 -9.24 -13.25 -3.31
C THR A 53 -8.86 -12.06 -2.44
N HIS A 54 -8.44 -12.34 -1.21
CA HIS A 54 -8.11 -11.29 -0.25
C HIS A 54 -7.09 -11.87 0.72
N PHE A 55 -5.86 -11.39 0.63
CA PHE A 55 -4.80 -11.89 1.50
C PHE A 55 -4.05 -10.71 2.11
N LEU A 56 -3.18 -11.02 3.06
CA LEU A 56 -2.40 -10.03 3.79
C LEU A 56 -0.92 -10.34 3.59
N VAL A 57 -0.10 -9.29 3.52
CA VAL A 57 1.34 -9.43 3.53
C VAL A 57 1.84 -8.61 4.71
N ILE A 58 2.57 -9.25 5.62
CA ILE A 58 2.96 -8.58 6.86
C ILE A 58 4.46 -8.74 7.07
N PRO A 59 5.14 -7.78 7.67
CA PRO A 59 6.53 -8.02 8.06
C PRO A 59 6.60 -8.96 9.25
N LYS A 60 7.73 -9.69 9.36
CA LYS A 60 7.96 -10.44 10.59
C LYS A 60 8.45 -9.54 11.71
N LYS A 61 9.12 -8.44 11.37
CA LYS A 61 9.43 -7.42 12.35
C LYS A 61 8.15 -6.73 12.80
N HIS A 62 7.95 -6.59 14.11
CA HIS A 62 6.73 -5.90 14.57
C HIS A 62 6.89 -4.40 14.39
N ILE A 63 6.01 -3.82 13.57
CA ILE A 63 5.80 -2.38 13.48
C ILE A 63 4.31 -2.17 13.74
N SER A 64 3.98 -1.34 14.73
CA SER A 64 2.58 -1.24 15.15
C SER A 64 1.70 -0.63 14.07
N GLN A 65 2.20 0.36 13.33
CA GLN A 65 1.42 1.05 12.30
C GLN A 65 2.37 1.82 11.40
N ILE A 66 1.89 2.20 10.21
N ILE A 66 1.89 2.17 10.21
CA ILE A 66 2.82 2.84 9.28
CA ILE A 66 2.74 2.83 9.22
C ILE A 66 3.22 4.23 9.76
C ILE A 66 3.16 4.22 9.68
N SER A 67 2.42 4.83 10.64
N SER A 67 2.45 4.81 10.63
CA SER A 67 2.76 6.17 11.11
CA SER A 67 2.78 6.16 11.07
C SER A 67 3.99 6.20 12.00
C SER A 67 4.03 6.19 11.95
N VAL A 68 4.46 5.04 12.48
CA VAL A 68 5.67 4.95 13.29
C VAL A 68 6.77 4.16 12.58
N ALA A 69 6.63 3.91 11.29
CA ALA A 69 7.68 3.25 10.54
C ALA A 69 8.89 4.16 10.47
N GLU A 70 10.07 3.56 10.54
N GLU A 70 10.07 3.57 10.56
CA GLU A 70 11.31 4.31 10.52
CA GLU A 70 11.30 4.33 10.54
C GLU A 70 11.82 4.48 9.10
C GLU A 70 11.81 4.49 9.10
N ASP A 71 12.71 5.44 8.91
CA ASP A 71 13.30 5.66 7.59
C ASP A 71 13.99 4.39 7.09
N ASP A 72 14.51 3.58 7.99
CA ASP A 72 15.26 2.38 7.60
C ASP A 72 14.34 1.19 7.32
N ASP A 73 13.03 1.36 7.48
CA ASP A 73 12.06 0.35 7.10
C ASP A 73 11.63 0.48 5.64
N GLU A 74 12.26 1.37 4.88
CA GLU A 74 11.85 1.62 3.50
C GLU A 74 11.87 0.35 2.67
N SER A 75 12.99 -0.39 2.72
N SER A 75 12.99 -0.39 2.72
N SER A 75 12.99 -0.40 2.73
CA SER A 75 13.11 -1.60 1.92
CA SER A 75 13.13 -1.59 1.92
CA SER A 75 13.11 -1.60 1.92
C SER A 75 12.13 -2.67 2.36
C SER A 75 12.14 -2.67 2.37
C SER A 75 12.13 -2.67 2.36
N LEU A 76 11.86 -2.75 3.67
CA LEU A 76 10.94 -3.75 4.18
C LEU A 76 9.52 -3.49 3.72
N LEU A 77 9.10 -2.22 3.76
CA LEU A 77 7.79 -1.87 3.24
C LEU A 77 7.73 -2.09 1.74
N GLY A 78 8.76 -1.69 0.99
CA GLY A 78 8.78 -2.00 -0.42
C GLY A 78 8.71 -3.50 -0.69
N HIS A 79 9.42 -4.29 0.12
CA HIS A 79 9.34 -5.73 -0.02
C HIS A 79 7.91 -6.24 0.16
N LEU A 80 7.12 -5.58 1.01
CA LEU A 80 5.73 -6.02 1.20
C LEU A 80 4.96 -5.92 -0.09
N MET A 81 5.18 -4.87 -0.86
N MET A 81 5.19 -4.87 -0.87
N MET A 81 5.17 -4.86 -0.86
CA MET A 81 4.40 -4.68 -2.08
CA MET A 81 4.39 -4.69 -2.08
CA MET A 81 4.40 -4.67 -2.08
C MET A 81 4.88 -5.62 -3.19
C MET A 81 4.88 -5.60 -3.20
C MET A 81 4.88 -5.63 -3.18
N ILE A 82 6.19 -5.84 -3.27
CA ILE A 82 6.73 -6.74 -4.29
C ILE A 82 6.25 -8.15 -4.04
N VAL A 83 6.27 -8.58 -2.77
CA VAL A 83 5.70 -9.88 -2.44
C VAL A 83 4.19 -9.89 -2.74
N GLY A 84 3.50 -8.80 -2.43
CA GLY A 84 2.09 -8.73 -2.71
C GLY A 84 1.78 -8.92 -4.19
N LYS A 85 2.53 -8.24 -5.05
CA LYS A 85 2.25 -8.37 -6.48
C LYS A 85 2.72 -9.70 -7.04
N LYS A 86 3.73 -10.32 -6.43
CA LYS A 86 4.13 -11.66 -6.87
C LYS A 86 3.10 -12.69 -6.48
N CYS A 87 2.59 -12.63 -5.24
CA CYS A 87 1.57 -13.58 -4.82
C CYS A 87 0.30 -13.39 -5.64
N ALA A 88 -0.02 -12.15 -5.97
CA ALA A 88 -1.23 -11.91 -6.76
C ALA A 88 -1.13 -12.60 -8.10
N ALA A 89 0.05 -12.52 -8.72
CA ALA A 89 0.25 -13.21 -10.00
C ALA A 89 0.19 -14.72 -9.82
N ASP A 90 0.79 -15.23 -8.74
N ASP A 90 0.79 -15.23 -8.74
CA ASP A 90 0.80 -16.65 -8.46
CA ASP A 90 0.78 -16.67 -8.51
C ASP A 90 -0.62 -17.17 -8.19
C ASP A 90 -0.63 -17.17 -8.21
N LEU A 91 -1.48 -16.31 -7.65
CA LEU A 91 -2.88 -16.62 -7.42
C LEU A 91 -3.75 -16.35 -8.64
N GLY A 92 -3.17 -15.94 -9.76
CA GLY A 92 -3.94 -15.84 -10.97
C GLY A 92 -4.84 -14.64 -11.05
N LEU A 93 -4.51 -13.57 -10.31
CA LEU A 93 -5.26 -12.32 -10.40
C LEU A 93 -4.75 -11.48 -11.58
N ASN A 94 -4.95 -12.02 -12.79
CA ASN A 94 -4.42 -11.40 -13.99
C ASN A 94 -5.19 -10.15 -14.41
N LYS A 95 -6.44 -9.99 -13.98
N LYS A 95 -6.45 -10.00 -13.98
CA LYS A 95 -7.22 -8.80 -14.32
CA LYS A 95 -7.24 -8.81 -14.30
C LYS A 95 -6.95 -7.63 -13.40
C LYS A 95 -6.92 -7.62 -13.43
N GLY A 96 -6.15 -7.81 -12.36
CA GLY A 96 -5.78 -6.75 -11.46
C GLY A 96 -6.23 -7.03 -10.04
N TYR A 97 -5.87 -6.09 -9.17
CA TYR A 97 -6.08 -6.19 -7.73
C TYR A 97 -5.80 -4.81 -7.13
N ARG A 98 -6.12 -4.68 -5.84
CA ARG A 98 -5.94 -3.44 -5.11
C ARG A 98 -5.17 -3.71 -3.84
N MET A 99 -4.17 -2.87 -3.56
CA MET A 99 -3.36 -2.97 -2.36
C MET A 99 -3.75 -1.84 -1.42
N VAL A 100 -3.93 -2.17 -0.14
CA VAL A 100 -4.45 -1.23 0.86
C VAL A 100 -3.63 -1.36 2.14
N VAL A 101 -3.12 -0.24 2.65
CA VAL A 101 -2.60 -0.17 4.02
C VAL A 101 -3.46 0.82 4.78
N ASN A 102 -3.97 0.39 5.93
CA ASN A 102 -4.78 1.26 6.78
C ASN A 102 -3.95 1.79 7.93
N GLU A 103 -4.18 3.05 8.29
CA GLU A 103 -3.49 3.67 9.42
C GLU A 103 -4.51 4.22 10.40
N GLY A 104 -4.50 3.69 11.62
CA GLY A 104 -5.24 4.29 12.71
C GLY A 104 -6.74 4.19 12.57
N SER A 105 -7.42 5.06 13.33
CA SER A 105 -8.87 4.94 13.46
C SER A 105 -9.57 5.32 12.17
N ASP A 106 -9.19 6.46 11.56
CA ASP A 106 -9.86 6.84 10.33
C ASP A 106 -9.55 5.89 9.19
N GLY A 107 -8.32 5.33 9.16
CA GLY A 107 -7.98 4.40 8.10
C GLY A 107 -8.63 3.05 8.25
N GLY A 108 -9.09 2.71 9.45
CA GLY A 108 -9.76 1.46 9.69
C GLY A 108 -8.90 0.36 10.29
N GLN A 109 -7.79 0.68 10.93
CA GLN A 109 -6.88 -0.34 11.40
C GLN A 109 -7.41 -0.99 12.68
N SER A 110 -7.52 -2.30 12.68
N SER A 110 -7.50 -2.32 12.70
CA SER A 110 -7.96 -3.06 13.84
CA SER A 110 -7.98 -3.07 13.86
C SER A 110 -6.83 -3.81 14.52
C SER A 110 -6.96 -4.03 14.46
N VAL A 111 -5.87 -4.33 13.75
CA VAL A 111 -4.72 -5.06 14.29
C VAL A 111 -3.52 -4.13 14.19
N TYR A 112 -2.86 -3.89 15.32
CA TYR A 112 -1.75 -2.92 15.31
C TYR A 112 -0.42 -3.62 15.10
N HIS A 113 -0.35 -4.20 13.90
CA HIS A 113 0.85 -4.74 13.29
C HIS A 113 0.71 -4.42 11.82
N VAL A 114 1.75 -3.80 11.23
N VAL A 114 1.69 -3.73 11.24
CA VAL A 114 1.66 -3.29 9.86
CA VAL A 114 1.49 -3.16 9.92
C VAL A 114 1.24 -4.39 8.90
C VAL A 114 1.25 -4.29 8.90
N HIS A 115 0.24 -4.12 8.07
CA HIS A 115 -0.17 -5.15 7.13
C HIS A 115 -0.69 -4.54 5.82
N LEU A 116 -0.35 -5.20 4.72
CA LEU A 116 -0.82 -4.82 3.40
C LEU A 116 -1.97 -5.75 2.98
N HIS A 117 -3.13 -5.17 2.68
CA HIS A 117 -4.21 -5.95 2.07
C HIS A 117 -4.02 -6.06 0.57
N VAL A 118 -4.24 -7.25 0.01
CA VAL A 118 -4.31 -7.42 -1.44
C VAL A 118 -5.63 -8.09 -1.78
N LEU A 119 -6.47 -7.42 -2.56
CA LEU A 119 -7.82 -7.84 -2.92
C LEU A 119 -7.98 -7.93 -4.43
N GLY A 120 -8.61 -9.00 -4.90
CA GLY A 120 -8.86 -9.13 -6.33
C GLY A 120 -9.88 -10.21 -6.60
N GLY A 121 -10.09 -10.47 -7.88
CA GLY A 121 -11.08 -11.46 -8.28
C GLY A 121 -12.44 -10.87 -8.53
N ARG A 122 -12.57 -9.56 -8.38
CA ARG A 122 -13.77 -8.86 -8.79
C ARG A 122 -13.36 -7.44 -9.15
N GLN A 123 -14.29 -6.71 -9.77
CA GLN A 123 -14.09 -5.29 -10.01
C GLN A 123 -14.09 -4.55 -8.68
N MET A 124 -13.01 -3.84 -8.38
CA MET A 124 -12.99 -2.97 -7.22
C MET A 124 -13.57 -1.62 -7.61
N HIS A 125 -14.29 -1.00 -6.68
CA HIS A 125 -14.98 0.26 -6.94
C HIS A 125 -14.19 1.44 -6.42
N TRP A 126 -14.61 2.63 -6.82
CA TRP A 126 -14.05 3.87 -6.34
C TRP A 126 -15.16 4.71 -5.72
N PRO A 127 -14.92 5.40 -4.59
CA PRO A 127 -13.68 5.55 -3.84
C PRO A 127 -13.36 4.27 -3.09
N PRO A 128 -12.12 4.12 -2.62
CA PRO A 128 -11.72 2.88 -1.94
C PRO A 128 -12.15 2.89 -0.48
N GLY A 129 -13.47 2.93 -0.27
CA GLY A 129 -14.03 3.11 1.05
C GLY A 129 -14.12 4.56 1.46
N THR B 20 2.26 9.46 -19.88
CA THR B 20 1.03 9.73 -19.13
C THR B 20 0.93 11.18 -18.68
N ILE B 21 -0.27 11.56 -18.23
CA ILE B 21 -0.46 12.89 -17.66
C ILE B 21 0.42 13.07 -16.41
N PHE B 22 0.70 11.98 -15.68
CA PHE B 22 1.60 12.11 -14.53
C PHE B 22 3.02 12.43 -14.95
N GLY B 23 3.42 11.97 -16.13
CA GLY B 23 4.70 12.37 -16.67
C GLY B 23 4.76 13.88 -16.87
N LYS B 24 3.69 14.46 -17.42
CA LYS B 24 3.63 15.91 -17.61
C LYS B 24 3.69 16.64 -16.28
N ILE B 25 3.09 16.06 -15.25
CA ILE B 25 3.08 16.68 -13.94
C ILE B 25 4.49 16.66 -13.35
N ILE B 26 5.16 15.50 -13.44
CA ILE B 26 6.55 15.40 -12.98
C ILE B 26 7.45 16.39 -13.71
N ARG B 27 7.22 16.59 -15.01
CA ARG B 27 8.05 17.52 -15.79
C ARG B 27 7.61 18.96 -15.63
N LYS B 28 6.58 19.21 -14.82
N LYS B 28 6.60 19.22 -14.81
CA LYS B 28 6.07 20.55 -14.52
CA LYS B 28 6.09 20.57 -14.52
C LYS B 28 5.45 21.21 -15.75
C LYS B 28 5.49 21.21 -15.77
N GLU B 29 5.01 20.39 -16.69
CA GLU B 29 4.42 20.90 -17.92
C GLU B 29 2.95 21.28 -17.73
N ILE B 30 2.29 20.69 -16.75
CA ILE B 30 0.94 21.13 -16.40
C ILE B 30 0.91 21.29 -14.89
N PRO B 31 -0.01 22.10 -14.36
CA PRO B 31 0.04 22.42 -12.93
C PRO B 31 -0.58 21.34 -12.06
N ALA B 32 -0.04 21.26 -10.85
CA ALA B 32 -0.53 20.39 -9.79
C ALA B 32 -0.13 21.01 -8.48
N LYS B 33 -0.96 20.80 -7.46
N LYS B 33 -0.96 20.80 -7.45
N LYS B 33 -0.96 20.77 -7.45
CA LYS B 33 -0.70 21.35 -6.13
CA LYS B 33 -0.65 21.33 -6.12
CA LYS B 33 -0.79 21.38 -6.14
C LYS B 33 0.27 20.42 -5.41
C LYS B 33 0.37 20.40 -5.46
C LYS B 33 0.20 20.57 -5.30
N ILE B 34 1.56 20.74 -5.52
N ILE B 34 1.64 20.78 -5.52
CA ILE B 34 2.63 19.86 -5.04
CA ILE B 34 2.72 19.93 -5.02
C ILE B 34 2.80 20.01 -3.53
C ILE B 34 2.80 20.02 -3.51
N ILE B 35 2.88 18.87 -2.86
CA ILE B 35 3.03 18.79 -1.42
C ILE B 35 4.49 18.60 -1.03
N PHE B 36 5.20 17.76 -1.76
CA PHE B 36 6.58 17.41 -1.44
C PHE B 36 7.25 16.86 -2.68
N GLU B 37 8.55 17.11 -2.81
CA GLU B 37 9.31 16.56 -3.93
C GLU B 37 10.73 16.30 -3.47
N ASP B 38 11.32 15.20 -3.95
CA ASP B 38 12.74 14.97 -3.77
C ASP B 38 13.29 14.49 -5.11
N ASP B 39 14.45 13.83 -5.08
CA ASP B 39 15.10 13.47 -6.34
C ASP B 39 14.46 12.26 -6.99
N ARG B 40 13.60 11.53 -6.28
CA ARG B 40 13.05 10.28 -6.79
C ARG B 40 11.54 10.14 -6.67
N CYS B 41 10.83 11.14 -6.18
CA CYS B 41 9.37 11.03 -6.11
C CYS B 41 8.73 12.41 -6.01
N LEU B 42 7.42 12.44 -6.22
CA LEU B 42 6.63 13.65 -6.17
C LEU B 42 5.31 13.34 -5.46
N ALA B 43 4.90 14.24 -4.58
CA ALA B 43 3.61 14.10 -3.91
C ALA B 43 2.78 15.33 -4.21
N PHE B 44 1.51 15.12 -4.53
CA PHE B 44 0.66 16.24 -4.92
C PHE B 44 -0.79 15.83 -4.70
N HIS B 45 -1.64 16.84 -4.50
CA HIS B 45 -3.06 16.59 -4.26
C HIS B 45 -3.73 16.06 -5.52
N ASP B 46 -4.70 15.15 -5.31
N ASP B 46 -4.66 15.13 -5.33
CA ASP B 46 -5.46 14.54 -6.37
CA ASP B 46 -5.37 14.55 -6.45
C ASP B 46 -6.47 15.53 -6.96
C ASP B 46 -6.44 15.50 -6.97
N ILE B 47 -6.57 15.55 -8.30
CA ILE B 47 -7.46 16.51 -8.94
C ILE B 47 -8.93 16.14 -8.77
N SER B 48 -9.22 14.90 -8.40
N SER B 48 -9.23 14.90 -8.40
CA SER B 48 -10.59 14.43 -8.12
CA SER B 48 -10.59 14.45 -8.12
C SER B 48 -10.60 13.78 -6.74
C SER B 48 -10.60 13.79 -6.75
N PRO B 49 -10.54 14.58 -5.69
CA PRO B 49 -10.34 13.99 -4.34
C PRO B 49 -11.58 13.27 -3.84
N GLN B 50 -11.33 12.18 -3.13
CA GLN B 50 -12.38 11.29 -2.62
C GLN B 50 -12.50 11.34 -1.10
N ALA B 51 -11.70 12.18 -0.45
CA ALA B 51 -11.67 12.42 0.98
C ALA B 51 -11.31 13.89 1.18
N PRO B 52 -11.51 14.44 2.38
CA PRO B 52 -11.09 15.84 2.61
C PRO B 52 -9.62 16.08 2.28
N THR B 53 -8.76 15.11 2.54
CA THR B 53 -7.37 15.12 2.09
C THR B 53 -7.15 13.89 1.24
N HIS B 54 -6.73 14.08 0.00
CA HIS B 54 -6.49 12.98 -0.93
C HIS B 54 -5.31 13.37 -1.80
N PHE B 55 -4.15 12.75 -1.58
CA PHE B 55 -3.01 13.08 -2.41
C PHE B 55 -2.41 11.81 -2.98
N LEU B 56 -1.48 11.99 -3.91
CA LEU B 56 -0.74 10.91 -4.55
C LEU B 56 0.74 11.06 -4.30
N VAL B 57 1.42 9.93 -4.15
CA VAL B 57 2.88 9.87 -4.14
C VAL B 57 3.30 9.03 -5.34
N ILE B 58 4.08 9.62 -6.25
CA ILE B 58 4.48 8.92 -7.45
C ILE B 58 6.01 8.92 -7.60
N PRO B 59 6.61 7.84 -8.10
CA PRO B 59 8.05 7.83 -8.38
C PRO B 59 8.35 8.59 -9.66
N LYS B 60 9.57 9.14 -9.74
CA LYS B 60 9.95 9.78 -10.99
C LYS B 60 10.30 8.77 -12.07
N LYS B 61 10.73 7.58 -11.68
CA LYS B 61 10.94 6.48 -12.62
C LYS B 61 9.60 6.03 -13.18
N HIS B 62 9.54 5.82 -14.49
CA HIS B 62 8.28 5.41 -15.12
C HIS B 62 8.11 3.91 -14.98
N ILE B 63 7.57 3.50 -13.85
CA ILE B 63 7.03 2.16 -13.68
C ILE B 63 5.55 2.25 -14.03
N SER B 64 5.12 1.48 -15.03
CA SER B 64 3.75 1.66 -15.53
C SER B 64 2.72 1.16 -14.52
N GLN B 65 3.06 0.13 -13.75
CA GLN B 65 2.10 -0.52 -12.88
C GLN B 65 2.86 -1.40 -11.91
N ILE B 66 2.27 -1.59 -10.72
N ILE B 66 2.27 -1.60 -10.72
CA ILE B 66 2.95 -2.34 -9.67
CA ILE B 66 2.99 -2.34 -9.69
C ILE B 66 3.32 -3.74 -10.15
C ILE B 66 3.32 -3.76 -10.15
N SER B 67 2.49 -4.36 -11.00
CA SER B 67 2.75 -5.75 -11.39
C SER B 67 4.04 -5.91 -12.18
N VAL B 68 4.60 -4.84 -12.74
CA VAL B 68 5.86 -4.93 -13.47
C VAL B 68 7.04 -4.38 -12.68
N ALA B 69 6.81 -3.89 -11.47
CA ALA B 69 7.92 -3.44 -10.63
C ALA B 69 8.92 -4.57 -10.42
N GLU B 70 10.21 -4.22 -10.46
N GLU B 70 10.20 -4.22 -10.44
CA GLU B 70 11.28 -5.19 -10.27
CA GLU B 70 11.28 -5.18 -10.26
C GLU B 70 11.67 -5.28 -8.79
C GLU B 70 11.71 -5.24 -8.81
N ASP B 71 12.52 -6.26 -8.49
CA ASP B 71 12.99 -6.42 -7.11
C ASP B 71 13.85 -5.25 -6.67
N ASP B 72 14.63 -4.66 -7.57
N ASP B 72 14.63 -4.66 -7.59
CA ASP B 72 15.46 -3.52 -7.20
CA ASP B 72 15.47 -3.53 -7.22
C ASP B 72 14.67 -2.22 -7.12
C ASP B 72 14.63 -2.31 -6.88
N ASP B 73 13.34 -2.31 -7.24
CA ASP B 73 12.45 -1.20 -6.95
C ASP B 73 11.89 -1.22 -5.53
N GLU B 74 12.28 -2.20 -4.71
N GLU B 74 12.27 -2.21 -4.71
CA GLU B 74 11.71 -2.33 -3.38
CA GLU B 74 11.69 -2.34 -3.37
C GLU B 74 11.94 -1.09 -2.54
C GLU B 74 11.99 -1.13 -2.50
N SER B 75 13.18 -0.57 -2.53
N SER B 75 13.21 -0.57 -2.60
CA SER B 75 13.46 0.61 -1.72
CA SER B 75 13.53 0.59 -1.78
C SER B 75 12.68 1.81 -2.22
C SER B 75 12.73 1.81 -2.23
N LEU B 76 12.57 1.97 -3.55
CA LEU B 76 11.80 3.09 -4.10
C LEU B 76 10.32 3.00 -3.73
N LEU B 77 9.74 1.81 -3.84
CA LEU B 77 8.33 1.67 -3.48
C LEU B 77 8.12 1.94 -1.99
N GLY B 78 9.06 1.47 -1.17
CA GLY B 78 8.99 1.76 0.25
C GLY B 78 9.16 3.22 0.54
N HIS B 79 9.99 3.91 -0.25
CA HIS B 79 10.17 5.35 -0.12
C HIS B 79 8.86 6.09 -0.40
N LEU B 80 8.07 5.61 -1.34
CA LEU B 80 6.77 6.22 -1.58
C LEU B 80 5.89 6.16 -0.33
N MET B 81 5.92 5.03 0.38
N MET B 81 5.93 5.04 0.38
N MET B 81 5.92 5.02 0.37
CA MET B 81 5.07 4.91 1.56
CA MET B 81 5.08 4.88 1.55
CA MET B 81 5.08 4.87 1.56
C MET B 81 5.57 5.73 2.73
C MET B 81 5.57 5.74 2.72
C MET B 81 5.58 5.76 2.70
N ILE B 82 6.89 5.87 2.88
CA ILE B 82 7.43 6.67 3.97
C ILE B 82 7.19 8.16 3.68
N VAL B 83 7.43 8.58 2.44
CA VAL B 83 7.02 9.92 2.06
C VAL B 83 5.52 10.12 2.29
N GLY B 84 4.72 9.13 1.91
CA GLY B 84 3.28 9.27 2.08
C GLY B 84 2.87 9.46 3.52
N LYS B 85 3.44 8.65 4.43
CA LYS B 85 3.05 8.80 5.83
C LYS B 85 3.63 10.07 6.43
N LYS B 86 4.74 10.58 5.90
CA LYS B 86 5.28 11.85 6.38
C LYS B 86 4.43 13.02 5.90
N CYS B 87 3.97 12.99 4.66
CA CYS B 87 3.08 14.04 4.18
C CYS B 87 1.75 14.02 4.93
N ALA B 88 1.22 12.83 5.21
CA ALA B 88 -0.05 12.76 5.93
C ALA B 88 0.05 13.40 7.30
N ALA B 89 1.15 13.14 8.01
CA ALA B 89 1.38 13.80 9.28
C ALA B 89 1.47 15.31 9.09
N ASP B 90 2.24 15.75 8.08
N ASP B 90 2.24 15.75 8.08
CA ASP B 90 2.38 17.17 7.81
CA ASP B 90 2.37 17.19 7.84
C ASP B 90 1.06 17.81 7.43
C ASP B 90 1.04 17.82 7.45
N LEU B 91 0.14 17.05 6.86
CA LEU B 91 -1.18 17.54 6.50
C LEU B 91 -2.21 17.34 7.59
N GLY B 92 -1.79 16.97 8.79
CA GLY B 92 -2.67 16.96 9.94
C GLY B 92 -3.48 15.72 10.15
N LEU B 93 -3.19 14.63 9.44
CA LEU B 93 -4.03 13.43 9.46
C LEU B 93 -3.71 12.58 10.69
N ASN B 94 -3.98 13.15 11.86
CA ASN B 94 -3.56 12.48 13.10
C ASN B 94 -4.54 11.42 13.55
N LYS B 95 -5.74 11.41 12.97
CA LYS B 95 -6.73 10.38 13.25
C LYS B 95 -6.63 9.19 12.30
N GLY B 96 -5.75 9.24 11.31
CA GLY B 96 -5.47 8.09 10.46
C GLY B 96 -5.72 8.40 8.99
N TYR B 97 -5.50 7.37 8.16
CA TYR B 97 -5.61 7.50 6.71
C TYR B 97 -5.51 6.12 6.07
N ARG B 98 -5.82 6.07 4.78
CA ARG B 98 -5.72 4.83 4.00
C ARG B 98 -4.80 5.05 2.81
N MET B 99 -3.89 4.10 2.58
CA MET B 99 -3.00 4.10 1.43
C MET B 99 -3.45 3.03 0.43
N VAL B 100 -3.46 3.38 -0.85
CA VAL B 100 -4.00 2.49 -1.88
C VAL B 100 -3.11 2.50 -3.12
N VAL B 101 -2.81 1.33 -3.65
CA VAL B 101 -2.19 1.17 -4.97
C VAL B 101 -3.10 0.28 -5.79
N ASN B 102 -3.52 0.76 -6.95
CA ASN B 102 -4.40 0.02 -7.85
C ASN B 102 -3.59 -0.58 -9.00
N GLU B 103 -3.99 -1.78 -9.40
CA GLU B 103 -3.37 -2.48 -10.52
C GLU B 103 -4.44 -2.98 -11.46
N GLY B 104 -4.34 -2.60 -12.74
CA GLY B 104 -5.16 -3.21 -13.77
C GLY B 104 -6.63 -2.80 -13.69
N SER B 105 -7.42 -3.43 -14.56
N SER B 105 -7.44 -3.43 -14.55
N SER B 105 -7.42 -3.43 -14.56
CA SER B 105 -8.83 -3.08 -14.69
CA SER B 105 -8.83 -3.01 -14.65
CA SER B 105 -8.84 -3.10 -14.69
C SER B 105 -9.59 -3.36 -13.39
C SER B 105 -9.62 -3.36 -13.39
C SER B 105 -9.59 -3.36 -13.39
N ASP B 106 -9.43 -4.58 -12.85
CA ASP B 106 -10.13 -4.95 -11.63
C ASP B 106 -9.74 -4.07 -10.45
N GLY B 107 -8.46 -3.70 -10.37
CA GLY B 107 -8.07 -2.81 -9.30
C GLY B 107 -8.45 -1.37 -9.53
N GLY B 108 -8.98 -1.05 -10.70
CA GLY B 108 -9.39 0.31 -11.00
C GLY B 108 -8.27 1.29 -11.27
N GLN B 109 -7.13 0.83 -11.78
CA GLN B 109 -6.00 1.72 -12.03
C GLN B 109 -6.36 2.73 -13.12
N SER B 110 -6.24 4.02 -12.81
N SER B 110 -6.24 4.01 -12.81
CA SER B 110 -6.69 5.07 -13.72
CA SER B 110 -6.68 5.08 -13.69
C SER B 110 -5.58 5.66 -14.58
C SER B 110 -5.58 5.67 -14.57
N VAL B 111 -4.32 5.60 -14.14
CA VAL B 111 -3.20 6.13 -14.91
C VAL B 111 -2.09 5.09 -14.84
N TYR B 112 -1.51 4.74 -15.99
CA TYR B 112 -0.47 3.70 -16.04
C TYR B 112 0.92 4.31 -15.79
N HIS B 113 1.02 4.90 -14.60
CA HIS B 113 2.26 5.27 -13.92
C HIS B 113 1.98 4.95 -12.46
N VAL B 114 2.83 4.13 -11.84
N VAL B 114 2.77 4.06 -11.85
CA VAL B 114 2.60 3.67 -10.47
CA VAL B 114 2.40 3.58 -10.53
C VAL B 114 2.34 4.86 -9.55
C VAL B 114 2.36 4.75 -9.55
N HIS B 115 1.33 4.75 -8.70
CA HIS B 115 1.10 5.85 -7.77
C HIS B 115 0.42 5.33 -6.51
N LEU B 116 0.78 5.94 -5.39
CA LEU B 116 0.19 5.60 -4.10
C LEU B 116 -0.84 6.66 -3.73
N HIS B 117 -2.08 6.24 -3.52
CA HIS B 117 -3.12 7.15 -3.04
C HIS B 117 -3.01 7.25 -1.53
N VAL B 118 -3.20 8.45 -0.99
CA VAL B 118 -3.33 8.59 0.46
C VAL B 118 -4.58 9.40 0.75
N LEU B 119 -5.50 8.82 1.52
CA LEU B 119 -6.81 9.38 1.80
C LEU B 119 -7.06 9.45 3.29
N GLY B 120 -7.57 10.59 3.76
CA GLY B 120 -7.95 10.74 5.16
C GLY B 120 -8.76 11.99 5.35
N GLY B 121 -8.90 12.39 6.62
CA GLY B 121 -9.79 13.48 6.96
C GLY B 121 -11.24 13.07 7.14
N ARG B 122 -11.55 11.79 6.95
CA ARG B 122 -12.88 11.25 7.17
C ARG B 122 -12.73 9.78 7.49
N GLN B 123 -13.77 9.18 8.05
CA GLN B 123 -13.72 7.73 8.29
C GLN B 123 -13.70 7.01 6.94
N MET B 124 -12.71 6.14 6.75
CA MET B 124 -12.66 5.28 5.59
C MET B 124 -13.40 3.99 5.90
N HIS B 125 -14.10 3.44 4.93
CA HIS B 125 -14.99 2.33 5.20
C HIS B 125 -14.43 1.00 4.69
N TRP B 126 -15.13 -0.06 5.07
CA TRP B 126 -14.80 -1.43 4.68
C TRP B 126 -16.03 -2.06 4.03
N PRO B 127 -15.87 -2.78 2.90
CA PRO B 127 -14.64 -3.06 2.15
C PRO B 127 -14.07 -1.80 1.49
N PRO B 128 -12.77 -1.82 1.15
CA PRO B 128 -12.13 -0.65 0.50
C PRO B 128 -12.43 -0.59 -0.99
N GLY B 129 -13.69 -0.36 -1.33
CA GLY B 129 -14.14 -0.55 -2.69
C GLY B 129 -14.53 -1.99 -3.02
O6 HHJ C . -6.96 -14.67 13.11
C6 HHJ C . -6.90 -14.11 11.99
N1 HHJ C . -6.49 -14.78 10.90
C2 HHJ C . -6.42 -14.22 9.68
N2 HHJ C . -5.98 -14.99 8.64
N3 HHJ C . -6.78 -12.94 9.46
C4 HHJ C . -7.21 -12.16 10.48
C5 HHJ C . -7.30 -12.71 11.84
N7 HHJ C . -7.76 -11.74 12.65
C8 HHJ C . -7.95 -10.64 11.87
N9 HHJ C . -7.61 -10.89 10.59
C1' HHJ C . -7.76 -9.95 9.48
O4' HHJ C . -6.90 -8.86 9.70
C2' HHJ C . -9.16 -9.35 9.41
O2' HHJ C . -10.08 -10.18 8.75
C3' HHJ C . -8.90 -8.01 8.70
O3' HHJ C . -9.12 -8.16 7.30
C4' HHJ C . -7.43 -7.72 8.99
C5' HHJ C . -7.18 -6.49 9.82
O5' HHJ C . -6.84 -5.40 8.99
C1 HHJ C . -7.52 -4.14 9.12
O2 HHJ C . -7.39 -3.51 10.17
N4 HHJ C . -8.23 -3.77 8.07
C9 HHJ C . -9.46 -3.02 8.15
C10 HHJ C . -10.69 -3.81 8.59
C12 HHJ C . -11.42 -2.94 9.58
C16 HHJ C . -11.64 -3.23 10.92
C17 HHJ C . -11.97 -1.68 9.35
C18 HHJ C . -12.03 -0.90 8.19
C19 HHJ C . -12.67 0.34 8.23
C20 HHJ C . -13.23 0.79 9.42
C21 HHJ C . -13.17 0.01 10.57
C22 HHJ C . -12.54 -1.23 10.55
N23 HHJ C . -12.32 -2.19 11.49
CL CL D . -5.34 4.43 -9.77
CL CL E . 4.20 8.49 -17.08
#